data_1MDG
# 
_entry.id   1MDG 
# 
_audit_conform.dict_name       mmcif_pdbx.dic 
_audit_conform.dict_version    5.386 
_audit_conform.dict_location   http://mmcif.pdb.org/dictionaries/ascii/mmcif_pdbx.dic 
# 
loop_
_database_2.database_id 
_database_2.database_code 
_database_2.pdbx_database_accession 
_database_2.pdbx_DOI 
PDB   1MDG         pdb_00001mdg 10.2210/pdb1mdg/pdb 
NDB   UR0024       ?            ?                   
RCSB  RCSB016835   ?            ?                   
WWPDB D_1000016835 ?            ?                   
# 
loop_
_pdbx_audit_revision_history.ordinal 
_pdbx_audit_revision_history.data_content_type 
_pdbx_audit_revision_history.major_revision 
_pdbx_audit_revision_history.minor_revision 
_pdbx_audit_revision_history.revision_date 
1 'Structure model' 1 0 2003-08-12 
2 'Structure model' 1 1 2008-04-28 
3 'Structure model' 1 2 2011-07-13 
4 'Structure model' 1 3 2011-09-28 
5 'Structure model' 1 4 2024-02-14 
# 
_pdbx_audit_revision_details.ordinal             1 
_pdbx_audit_revision_details.revision_ordinal    1 
_pdbx_audit_revision_details.data_content_type   'Structure model' 
_pdbx_audit_revision_details.provider            repository 
_pdbx_audit_revision_details.type                'Initial release' 
_pdbx_audit_revision_details.description         ? 
_pdbx_audit_revision_details.details             ? 
# 
loop_
_pdbx_audit_revision_group.ordinal 
_pdbx_audit_revision_group.revision_ordinal 
_pdbx_audit_revision_group.data_content_type 
_pdbx_audit_revision_group.group 
1 2 'Structure model' 'Version format compliance' 
2 3 'Structure model' 'Version format compliance' 
3 4 'Structure model' 'Atomic model'              
4 5 'Structure model' 'Data collection'           
5 5 'Structure model' 'Database references'       
6 5 'Structure model' 'Derived calculations'      
# 
loop_
_pdbx_audit_revision_category.ordinal 
_pdbx_audit_revision_category.revision_ordinal 
_pdbx_audit_revision_category.data_content_type 
_pdbx_audit_revision_category.category 
1 5 'Structure model' chem_comp_atom 
2 5 'Structure model' chem_comp_bond 
3 5 'Structure model' database_2     
4 5 'Structure model' struct_conn    
5 5 'Structure model' struct_site    
# 
loop_
_pdbx_audit_revision_item.ordinal 
_pdbx_audit_revision_item.revision_ordinal 
_pdbx_audit_revision_item.data_content_type 
_pdbx_audit_revision_item.item 
1 5 'Structure model' '_database_2.pdbx_DOI'                
2 5 'Structure model' '_database_2.pdbx_database_accession' 
3 5 'Structure model' '_struct_conn.pdbx_dist_value'        
4 5 'Structure model' '_struct_conn.pdbx_leaving_atom_flag' 
5 5 'Structure model' '_struct_conn.ptnr2_auth_seq_id'      
6 5 'Structure model' '_struct_conn.ptnr2_label_asym_id'    
7 5 'Structure model' '_struct_site.pdbx_auth_asym_id'      
8 5 'Structure model' '_struct_site.pdbx_auth_comp_id'      
9 5 'Structure model' '_struct_site.pdbx_auth_seq_id'       
# 
_pdbx_database_status.status_code                     REL 
_pdbx_database_status.entry_id                        1MDG 
_pdbx_database_status.recvd_initial_deposition_date   2002-08-07 
_pdbx_database_status.deposit_site                    RCSB 
_pdbx_database_status.process_site                    RCSB 
_pdbx_database_status.status_code_sf                  REL 
_pdbx_database_status.SG_entry                        . 
_pdbx_database_status.status_code_mr                  ? 
_pdbx_database_status.status_code_cs                  ? 
_pdbx_database_status.pdb_format_compatible           Y 
_pdbx_database_status.status_code_nmr_data            ? 
_pdbx_database_status.methods_development_category    ? 
# 
loop_
_audit_author.name 
_audit_author.pdbx_ordinal 
'Pan, B.C.'         1 
'Xiong, Y.'         2 
'Shi, K.'           3 
'Sundaralingam, M.' 4 
# 
_citation.id                        primary 
_citation.title                     
'An Eight-Stranded Helical Fragment in RNA Crystal Structure: Implications for Tetraplex Interaction' 
_citation.journal_abbrev            Structure 
_citation.journal_volume            11 
_citation.page_first                825 
_citation.page_last                 831 
_citation.year                      2003 
_citation.journal_id_ASTM           STRUE6 
_citation.country                   UK 
_citation.journal_id_ISSN           0969-2126 
_citation.journal_id_CSD            2005 
_citation.book_publisher            ? 
_citation.pdbx_database_id_PubMed   12842045 
_citation.pdbx_database_id_DOI      '10.1016/S0969-2126(03)00108-4' 
# 
loop_
_citation_author.citation_id 
_citation_author.name 
_citation_author.ordinal 
_citation_author.identifier_ORCID 
primary 'Pan, B.C.'         1 ? 
primary 'Xiong, Y.'         2 ? 
primary 'Shi, K.'           3 ? 
primary 'Sundaralingam, M.' 4 ? 
# 
loop_
_entity.id 
_entity.type 
_entity.src_method 
_entity.pdbx_description 
_entity.formula_weight 
_entity.pdbx_number_of_molecules 
_entity.pdbx_ec 
_entity.pdbx_mutation 
_entity.pdbx_fragment 
_entity.details 
1 polymer     syn "5'-R(*UP*(BGM)GP*AP*GP*GP*U)-3'" 1995.093 1  ? ? ? ? 
2 non-polymer syn 'SODIUM ION'                      22.990   5  ? ? ? ? 
3 non-polymer syn 'COBALT HEXAMMINE(III)'           161.116  1  ? ? ? ? 
4 water       nat water                             18.015   16 ? ? ? ? 
# 
_entity_poly.entity_id                      1 
_entity_poly.type                           polyribonucleotide 
_entity_poly.nstd_linkage                   no 
_entity_poly.nstd_monomer                   yes 
_entity_poly.pdbx_seq_one_letter_code       'U(BGM)AGGU' 
_entity_poly.pdbx_seq_one_letter_code_can   UGAGGU 
_entity_poly.pdbx_strand_id                 A 
_entity_poly.pdbx_target_identifier         ? 
# 
loop_
_pdbx_entity_nonpoly.entity_id 
_pdbx_entity_nonpoly.name 
_pdbx_entity_nonpoly.comp_id 
2 'SODIUM ION'            NA  
3 'COBALT HEXAMMINE(III)' NCO 
4 water                   HOH 
# 
loop_
_entity_poly_seq.entity_id 
_entity_poly_seq.num 
_entity_poly_seq.mon_id 
_entity_poly_seq.hetero 
1 1 U   n 
1 2 BGM n 
1 3 A   n 
1 4 G   n 
1 5 G   n 
1 6 U   n 
# 
loop_
_chem_comp.id 
_chem_comp.type 
_chem_comp.mon_nstd_flag 
_chem_comp.name 
_chem_comp.pdbx_synonyms 
_chem_comp.formula 
_chem_comp.formula_weight 
A   'RNA linking' y "ADENOSINE-5'-MONOPHOSPHATE"                 ? 'C10 H14 N5 O7 P'    347.221 
BGM 'DNA linking' n "8-BROMO-2'-DEOXYGUANOSINE-5'-MONOPHOSPHATE" ? 'C10 H13 Br N5 O7 P' 426.117 
G   'RNA linking' y "GUANOSINE-5'-MONOPHOSPHATE"                 ? 'C10 H14 N5 O8 P'    363.221 
HOH non-polymer   . WATER                                        ? 'H2 O'               18.015  
NA  non-polymer   . 'SODIUM ION'                                 ? 'Na 1'               22.990  
NCO non-polymer   . 'COBALT HEXAMMINE(III)'                      ? 'Co H18 N6 3'        161.116 
U   'RNA linking' y "URIDINE-5'-MONOPHOSPHATE"                   ? 'C9 H13 N2 O9 P'     324.181 
# 
loop_
_pdbx_poly_seq_scheme.asym_id 
_pdbx_poly_seq_scheme.entity_id 
_pdbx_poly_seq_scheme.seq_id 
_pdbx_poly_seq_scheme.mon_id 
_pdbx_poly_seq_scheme.ndb_seq_num 
_pdbx_poly_seq_scheme.pdb_seq_num 
_pdbx_poly_seq_scheme.auth_seq_num 
_pdbx_poly_seq_scheme.pdb_mon_id 
_pdbx_poly_seq_scheme.auth_mon_id 
_pdbx_poly_seq_scheme.pdb_strand_id 
_pdbx_poly_seq_scheme.pdb_ins_code 
_pdbx_poly_seq_scheme.hetero 
A 1 1 U   1 1 1 U   URI A . n 
A 1 2 BGM 2 2 2 BGM GUA A . n 
A 1 3 A   3 3 3 A   ADE A . n 
A 1 4 G   4 4 4 G   GUA A . n 
A 1 5 G   5 5 5 G   GUA A . n 
A 1 6 U   6 6 6 U   URI A . n 
# 
loop_
_pdbx_nonpoly_scheme.asym_id 
_pdbx_nonpoly_scheme.entity_id 
_pdbx_nonpoly_scheme.mon_id 
_pdbx_nonpoly_scheme.ndb_seq_num 
_pdbx_nonpoly_scheme.pdb_seq_num 
_pdbx_nonpoly_scheme.auth_seq_num 
_pdbx_nonpoly_scheme.pdb_mon_id 
_pdbx_nonpoly_scheme.auth_mon_id 
_pdbx_nonpoly_scheme.pdb_strand_id 
_pdbx_nonpoly_scheme.pdb_ins_code 
B 2 NA  1  101 101 NA  NA1 A . 
C 2 NA  1  102 102 NA  NA1 A . 
D 2 NA  1  103 103 NA  NA1 A . 
E 2 NA  1  104 104 NA  NA1 A . 
F 2 NA  1  105 105 NA  NA1 A . 
G 3 NCO 1  201 201 NCO COB A . 
H 4 HOH 1  301 301 HOH WAT A . 
H 4 HOH 2  302 302 HOH WAT A . 
H 4 HOH 3  303 303 HOH WAT A . 
H 4 HOH 4  304 304 HOH WAT A . 
H 4 HOH 5  305 305 HOH WAT A . 
H 4 HOH 6  306 316 HOH WAT A . 
H 4 HOH 7  307 307 HOH WAT A . 
H 4 HOH 8  308 308 HOH WAT A . 
H 4 HOH 9  309 309 HOH WAT A . 
H 4 HOH 10 310 310 HOH WAT A . 
H 4 HOH 11 312 312 HOH WAT A . 
H 4 HOH 12 313 313 HOH WAT A . 
H 4 HOH 13 314 314 HOH WAT A . 
H 4 HOH 14 315 315 HOH WAT A . 
H 4 HOH 15 316 317 HOH WAT A . 
H 4 HOH 16 411 411 HOH WAT A . 
# 
loop_
_software.name 
_software.classification 
_software.version 
_software.citation_id 
_software.pdbx_ordinal 
DENZO     'data reduction' . ? 1 
SCALEPACK 'data scaling'   . ? 2 
CNS       refinement       . ? 3 
CNS       phasing          . ? 4 
# 
_cell.entry_id           1MDG 
_cell.length_a           35.956 
_cell.length_b           35.956 
_cell.length_c           38.045 
_cell.angle_alpha        90.00 
_cell.angle_beta         90.00 
_cell.angle_gamma        90.00 
_cell.Z_PDB              16 
_cell.pdbx_unique_axis   ? 
_cell.length_a_esd       ? 
_cell.length_b_esd       ? 
_cell.length_c_esd       ? 
_cell.angle_alpha_esd    ? 
_cell.angle_beta_esd     ? 
_cell.angle_gamma_esd    ? 
# 
_symmetry.entry_id                         1MDG 
_symmetry.space_group_name_H-M             'I 4 2 2' 
_symmetry.pdbx_full_space_group_name_H-M   ? 
_symmetry.cell_setting                     ? 
_symmetry.Int_Tables_number                97 
_symmetry.space_group_name_Hall            ? 
# 
_exptl.entry_id          1MDG 
_exptl.method            'X-RAY DIFFRACTION' 
_exptl.crystals_number   1 
# 
_exptl_crystal.id                    1 
_exptl_crystal.density_meas          ? 
_exptl_crystal.density_percent_sol   20.17 
_exptl_crystal.density_Matthews      1.54 
_exptl_crystal.description           ? 
_exptl_crystal.F_000                 ? 
_exptl_crystal.preparation           ? 
# 
_exptl_crystal_grow.crystal_id      1 
_exptl_crystal_grow.method          'VAPOR DIFFUSION, HANGING DROP' 
_exptl_crystal_grow.temp            293 
_exptl_crystal_grow.temp_details    ? 
_exptl_crystal_grow.pH              6.6 
_exptl_crystal_grow.pdbx_details    
'MPD, MgCl2, Cobalt(III)hexammine, ethidine bromide, sodium cacodylate, pH 6.6, VAPOR DIFFUSION, HANGING DROP, temperature 293K' 
_exptl_crystal_grow.pdbx_pH_range   . 
# 
loop_
_exptl_crystal_grow_comp.crystal_id 
_exptl_crystal_grow_comp.id 
_exptl_crystal_grow_comp.sol_id 
_exptl_crystal_grow_comp.name 
_exptl_crystal_grow_comp.conc 
_exptl_crystal_grow_comp.volume 
_exptl_crystal_grow_comp.details 
1 1 1 MPD                    ? ? ? 
1 2 1 MgCl2                  ? ? ? 
1 3 1 'Cobalt(III)hexammine' ? ? ? 
1 4 1 'ethidine bromide'     ? ? ? 
1 5 1 'sodium cacodylate'    ? ? ? 
# 
_diffrn.id                     1 
_diffrn.ambient_temp           105 
_diffrn.ambient_temp_details   ? 
_diffrn.crystal_id             1 
# 
_diffrn_detector.diffrn_id              1 
_diffrn_detector.detector               CCD 
_diffrn_detector.type                   ENRAF-NONIUS 
_diffrn_detector.pdbx_collection_date   2001-05-31 
_diffrn_detector.details                mirrors 
# 
_diffrn_radiation.diffrn_id                        1 
_diffrn_radiation.wavelength_id                    1 
_diffrn_radiation.pdbx_monochromatic_or_laue_m_l   M 
_diffrn_radiation.monochromator                    graphite 
_diffrn_radiation.pdbx_diffrn_protocol             MAD 
_diffrn_radiation.pdbx_scattering_type             x-ray 
# 
loop_
_diffrn_radiation_wavelength.id 
_diffrn_radiation_wavelength.wavelength 
_diffrn_radiation_wavelength.wt 
1 0.9195 1.0 
2 0.9192 1.0 
3 0.800  1.0 
# 
_diffrn_source.diffrn_id                   1 
_diffrn_source.source                      SYNCHROTRON 
_diffrn_source.type                        'APS BEAMLINE 14-BM-D' 
_diffrn_source.pdbx_synchrotron_site       APS 
_diffrn_source.pdbx_synchrotron_beamline   14-BM-D 
_diffrn_source.pdbx_wavelength             ? 
_diffrn_source.pdbx_wavelength_list        '0.9195, 0.9192, 0.800' 
# 
_reflns.entry_id                     1MDG 
_reflns.observed_criterion_sigma_F   2.0 
_reflns.observed_criterion_sigma_I   2.0 
_reflns.d_resolution_high            1.5 
_reflns.d_resolution_low             30.0 
_reflns.number_all                   3807 
_reflns.number_obs                   3800 
_reflns.percent_possible_obs         99.8 
_reflns.pdbx_Rmerge_I_obs            ? 
_reflns.pdbx_Rsym_value              0.056 
_reflns.pdbx_netI_over_sigmaI        ? 
_reflns.B_iso_Wilson_estimate        ? 
_reflns.pdbx_redundancy              41.7 
_reflns.R_free_details               ? 
_reflns.pdbx_ordinal                 1 
_reflns.pdbx_diffrn_id               1 
_reflns.pdbx_chi_squared             ? 
_reflns.pdbx_scaling_rejects         ? 
# 
_reflns_shell.d_res_high             1.50 
_reflns_shell.d_res_low              1.55 
_reflns_shell.percent_possible_all   98.6 
_reflns_shell.Rmerge_I_obs           ? 
_reflns_shell.pdbx_Rsym_value        0.309 
_reflns_shell.meanI_over_sigI_obs    ? 
_reflns_shell.pdbx_redundancy        ? 
_reflns_shell.percent_possible_obs   ? 
_reflns_shell.number_unique_all      364 
_reflns_shell.pdbx_ordinal           1 
_reflns_shell.pdbx_diffrn_id         1 
_reflns_shell.number_measured_all    ? 
_reflns_shell.number_measured_obs    ? 
_reflns_shell.number_unique_obs      ? 
_reflns_shell.pdbx_chi_squared       ? 
# 
_refine.entry_id                                 1MDG 
_refine.ls_d_res_high                            1.50 
_refine.ls_d_res_low                             30.0 
_refine.pdbx_ls_sigma_F                          2.0 
_refine.pdbx_ls_sigma_I                          ? 
_refine.ls_number_reflns_all                     3821 
_refine.ls_number_reflns_obs                     3763 
_refine.ls_number_reflns_R_free                  381 
_refine.ls_percent_reflns_obs                    98.5 
_refine.ls_R_factor_all                          ? 
_refine.ls_R_factor_obs                          ? 
_refine.ls_R_factor_R_work                       0.172 
_refine.ls_R_factor_R_free                       0.194 
_refine.ls_redundancy_reflns_obs                 ? 
_refine.pdbx_data_cutoff_high_absF               ? 
_refine.pdbx_data_cutoff_low_absF                ? 
_refine.ls_number_parameters                     ? 
_refine.ls_number_restraints                     ? 
_refine.ls_percent_reflns_R_free                 ? 
_refine.ls_R_factor_R_free_error                 ? 
_refine.ls_R_factor_R_free_error_details         ? 
_refine.pdbx_method_to_determine_struct          MAD 
_refine.pdbx_starting_model                      ? 
_refine.pdbx_ls_cross_valid_method               ? 
_refine.pdbx_R_Free_selection_details            random 
_refine.pdbx_stereochem_target_val_spec_case     ? 
_refine.pdbx_stereochemistry_target_values       'Engh & Huber' 
_refine.solvent_model_details                    ? 
_refine.solvent_model_param_bsol                 ? 
_refine.solvent_model_param_ksol                 ? 
_refine.occupancy_max                            ? 
_refine.occupancy_min                            ? 
_refine.pdbx_isotropic_thermal_model             isotropic 
_refine.B_iso_mean                               ? 
_refine.aniso_B[1][1]                            ? 
_refine.aniso_B[1][2]                            ? 
_refine.aniso_B[1][3]                            ? 
_refine.aniso_B[2][2]                            ? 
_refine.aniso_B[2][3]                            ? 
_refine.aniso_B[3][3]                            ? 
_refine.details                                  ? 
_refine.correlation_coeff_Fo_to_Fc               ? 
_refine.correlation_coeff_Fo_to_Fc_free          ? 
_refine.pdbx_solvent_vdw_probe_radii             ? 
_refine.pdbx_solvent_ion_probe_radii             ? 
_refine.pdbx_solvent_shrinkage_radii             ? 
_refine.overall_SU_R_Cruickshank_DPI             ? 
_refine.overall_SU_R_free                        ? 
_refine.overall_SU_B                             ? 
_refine.overall_SU_ML                            ? 
_refine.pdbx_overall_ESU_R_Free                  ? 
_refine.pdbx_data_cutoff_high_rms_absF           ? 
_refine.pdbx_refine_id                           'X-RAY DIFFRACTION' 
_refine.pdbx_diffrn_id                           1 
_refine.pdbx_overall_phase_error                 ? 
_refine.ls_wR_factor_R_free                      ? 
_refine.ls_wR_factor_R_work                      ? 
_refine.overall_FOM_free_R_set                   ? 
_refine.overall_FOM_work_R_set                   ? 
_refine.pdbx_overall_ESU_R                       ? 
_refine.pdbx_TLS_residual_ADP_flag               ? 
_refine.pdbx_overall_SU_R_free_Cruickshank_DPI   ? 
_refine.pdbx_overall_SU_R_Blow_DPI               ? 
_refine.pdbx_overall_SU_R_free_Blow_DPI          ? 
# 
_refine_hist.pdbx_refine_id                   'X-RAY DIFFRACTION' 
_refine_hist.cycle_id                         LAST 
_refine_hist.pdbx_number_atoms_protein        0 
_refine_hist.pdbx_number_atoms_nucleic_acid   128 
_refine_hist.pdbx_number_atoms_ligand         12 
_refine_hist.number_atoms_solvent             16 
_refine_hist.number_atoms_total               156 
_refine_hist.d_res_high                       1.50 
_refine_hist.d_res_low                        30.0 
# 
_struct.entry_id                  1MDG 
_struct.title                     'An Alternating Antiparallel Octaplex in an RNA Crystal Structure' 
_struct.pdbx_model_details        ? 
_struct.pdbx_CASP_flag            ? 
_struct.pdbx_model_type_details   ? 
# 
_struct_keywords.entry_id        1MDG 
_struct_keywords.pdbx_keywords   RNA 
_struct_keywords.text            'tetraplex, base tetrads, base octads, RNA' 
# 
loop_
_struct_asym.id 
_struct_asym.pdbx_blank_PDB_chainid_flag 
_struct_asym.pdbx_modified 
_struct_asym.entity_id 
_struct_asym.details 
A N N 1 ? 
B N N 2 ? 
C N N 2 ? 
D N N 2 ? 
E N N 2 ? 
F N N 2 ? 
G N N 3 ? 
H N N 4 ? 
# 
_struct_ref.id                         1 
_struct_ref.entity_id                  1 
_struct_ref.db_name                    PDB 
_struct_ref.db_code                    1MDG 
_struct_ref.pdbx_db_accession          1MDG 
_struct_ref.pdbx_align_begin           ? 
_struct_ref.pdbx_seq_one_letter_code   ? 
_struct_ref.pdbx_db_isoform            ? 
# 
_struct_ref_seq.align_id                      1 
_struct_ref_seq.ref_id                        1 
_struct_ref_seq.pdbx_PDB_id_code              1MDG 
_struct_ref_seq.pdbx_strand_id                A 
_struct_ref_seq.seq_align_beg                 1 
_struct_ref_seq.pdbx_seq_align_beg_ins_code   ? 
_struct_ref_seq.seq_align_end                 6 
_struct_ref_seq.pdbx_seq_align_end_ins_code   ? 
_struct_ref_seq.pdbx_db_accession             1MDG 
_struct_ref_seq.db_align_beg                  1 
_struct_ref_seq.pdbx_db_align_beg_ins_code    ? 
_struct_ref_seq.db_align_end                  6 
_struct_ref_seq.pdbx_db_align_end_ins_code    ? 
_struct_ref_seq.pdbx_auth_seq_align_beg       1 
_struct_ref_seq.pdbx_auth_seq_align_end       6 
# 
_pdbx_struct_assembly.id                   1 
_pdbx_struct_assembly.details              author_defined_assembly 
_pdbx_struct_assembly.method_details       ? 
_pdbx_struct_assembly.oligomeric_details   tetrameric 
_pdbx_struct_assembly.oligomeric_count     4 
# 
_pdbx_struct_assembly_gen.assembly_id       1 
_pdbx_struct_assembly_gen.oper_expression   1,2,3,4 
_pdbx_struct_assembly_gen.asym_id_list      A,B,C,D,E,F,G,H 
# 
loop_
_pdbx_struct_oper_list.id 
_pdbx_struct_oper_list.type 
_pdbx_struct_oper_list.name 
_pdbx_struct_oper_list.symmetry_operation 
_pdbx_struct_oper_list.matrix[1][1] 
_pdbx_struct_oper_list.matrix[1][2] 
_pdbx_struct_oper_list.matrix[1][3] 
_pdbx_struct_oper_list.vector[1] 
_pdbx_struct_oper_list.matrix[2][1] 
_pdbx_struct_oper_list.matrix[2][2] 
_pdbx_struct_oper_list.matrix[2][3] 
_pdbx_struct_oper_list.vector[2] 
_pdbx_struct_oper_list.matrix[3][1] 
_pdbx_struct_oper_list.matrix[3][2] 
_pdbx_struct_oper_list.matrix[3][3] 
_pdbx_struct_oper_list.vector[3] 
1 'identity operation'         1_555 x,y,z   1.0000000000 0.0000000000 0.0000000000  0.0000000000  0.0000000000 1.0000000000  0.0000000000  0.0000000000  0.0000000000  0.0000000000  1.0000000000  0.0000000000  
2 'crystal symmetry operation' 2_555 -x,-y,z 0.5356872034 0.7627204409 -0.3623489327 4.5281499735  0.7627204409 -0.6211842687 -0.1799656448 -3.2253846102 -0.3623489327 -0.1799656448 -0.9145029348 12.4017343284 
3 'crystal symmetry operation' 3_555 -y,x,z  0.7678436017 0.5881174032 0.2540356733  -0.1011695601 0.1746030377 0.1894078657  -0.9662496777 4.2890358309  -0.6163846060 0.7862840329  0.0427485326  8.5993643701  
4 'crystal symmetry operation' 4_555 y,-x,z  0.7678436017 0.1746030377 -0.6163846060 4.6293195336  0.5881174032 0.1894078657  0.7862840329  -7.5144204411 0.2540356733  -0.9662496777 0.0427485326  3.8023699583 
# 
_struct_biol.id                    1 
_struct_biol.details               'The three strands of the tetraplex is generated by the four fold axis' 
_struct_biol.pdbx_parent_biol_id   ? 
# 
loop_
_struct_conn.id 
_struct_conn.conn_type_id 
_struct_conn.pdbx_leaving_atom_flag 
_struct_conn.pdbx_PDB_id 
_struct_conn.ptnr1_label_asym_id 
_struct_conn.ptnr1_label_comp_id 
_struct_conn.ptnr1_label_seq_id 
_struct_conn.ptnr1_label_atom_id 
_struct_conn.pdbx_ptnr1_label_alt_id 
_struct_conn.pdbx_ptnr1_PDB_ins_code 
_struct_conn.pdbx_ptnr1_standard_comp_id 
_struct_conn.ptnr1_symmetry 
_struct_conn.ptnr2_label_asym_id 
_struct_conn.ptnr2_label_comp_id 
_struct_conn.ptnr2_label_seq_id 
_struct_conn.ptnr2_label_atom_id 
_struct_conn.pdbx_ptnr2_label_alt_id 
_struct_conn.pdbx_ptnr2_PDB_ins_code 
_struct_conn.ptnr1_auth_asym_id 
_struct_conn.ptnr1_auth_comp_id 
_struct_conn.ptnr1_auth_seq_id 
_struct_conn.ptnr2_auth_asym_id 
_struct_conn.ptnr2_auth_comp_id 
_struct_conn.ptnr2_auth_seq_id 
_struct_conn.ptnr2_symmetry 
_struct_conn.pdbx_ptnr3_label_atom_id 
_struct_conn.pdbx_ptnr3_label_seq_id 
_struct_conn.pdbx_ptnr3_label_comp_id 
_struct_conn.pdbx_ptnr3_label_asym_id 
_struct_conn.pdbx_ptnr3_label_alt_id 
_struct_conn.pdbx_ptnr3_PDB_ins_code 
_struct_conn.details 
_struct_conn.pdbx_dist_value 
_struct_conn.pdbx_value_order 
_struct_conn.pdbx_role 
covale1 covale both ? A U   1 "O3'" ? ? ? 1_555 A BGM 2 P  ? ? A U   1 A BGM 2   1_555 ? ? ? ? ? ? ? 1.592 ? ? 
covale2 covale both ? A BGM 2 "O3'" ? ? ? 1_555 A A   3 P  ? ? A BGM 2 A A   3   1_555 ? ? ? ? ? ? ? 1.633 ? ? 
metalc1 metalc ?    ? A BGM 2 O6    ? ? ? 1_555 B NA  . NA ? ? A BGM 2 A NA  101 1_555 ? ? ? ? ? ? ? 2.865 ? ? 
metalc2 metalc ?    ? A BGM 2 O6    ? ? ? 1_555 C NA  . NA ? ? A BGM 2 A NA  102 1_555 ? ? ? ? ? ? ? 2.823 ? ? 
metalc3 metalc ?    ? A G   4 O6    ? ? ? 1_555 D NA  . NA ? ? A G   4 A NA  103 1_555 ? ? ? ? ? ? ? 2.995 ? ? 
metalc4 metalc ?    ? A G   4 O6    ? ? ? 1_555 E NA  . NA ? ? A G   4 A NA  104 1_555 ? ? ? ? ? ? ? 2.752 ? ? 
metalc5 metalc ?    ? A G   5 O6    ? ? ? 1_555 E NA  . NA ? ? A G   5 A NA  104 1_555 ? ? ? ? ? ? ? 2.749 ? ? 
metalc6 metalc ?    ? A G   5 O6    ? ? ? 1_555 F NA  . NA ? ? A G   5 A NA  105 1_555 ? ? ? ? ? ? ? 2.830 ? ? 
metalc7 metalc ?    ? A U   6 O4    ? ? ? 1_555 F NA  . NA ? ? A U   6 A NA  105 1_555 ? ? ? ? ? ? ? 2.703 ? ? 
# 
loop_
_struct_conn_type.id 
_struct_conn_type.criteria 
_struct_conn_type.reference 
covale ? ? 
metalc ? ? 
# 
loop_
_pdbx_struct_conn_angle.id 
_pdbx_struct_conn_angle.ptnr1_label_atom_id 
_pdbx_struct_conn_angle.ptnr1_label_alt_id 
_pdbx_struct_conn_angle.ptnr1_label_asym_id 
_pdbx_struct_conn_angle.ptnr1_label_comp_id 
_pdbx_struct_conn_angle.ptnr1_label_seq_id 
_pdbx_struct_conn_angle.ptnr1_auth_atom_id 
_pdbx_struct_conn_angle.ptnr1_auth_asym_id 
_pdbx_struct_conn_angle.ptnr1_auth_comp_id 
_pdbx_struct_conn_angle.ptnr1_auth_seq_id 
_pdbx_struct_conn_angle.ptnr1_PDB_ins_code 
_pdbx_struct_conn_angle.ptnr1_symmetry 
_pdbx_struct_conn_angle.ptnr2_label_atom_id 
_pdbx_struct_conn_angle.ptnr2_label_alt_id 
_pdbx_struct_conn_angle.ptnr2_label_asym_id 
_pdbx_struct_conn_angle.ptnr2_label_comp_id 
_pdbx_struct_conn_angle.ptnr2_label_seq_id 
_pdbx_struct_conn_angle.ptnr2_auth_atom_id 
_pdbx_struct_conn_angle.ptnr2_auth_asym_id 
_pdbx_struct_conn_angle.ptnr2_auth_comp_id 
_pdbx_struct_conn_angle.ptnr2_auth_seq_id 
_pdbx_struct_conn_angle.ptnr2_PDB_ins_code 
_pdbx_struct_conn_angle.ptnr2_symmetry 
_pdbx_struct_conn_angle.ptnr3_label_atom_id 
_pdbx_struct_conn_angle.ptnr3_label_alt_id 
_pdbx_struct_conn_angle.ptnr3_label_asym_id 
_pdbx_struct_conn_angle.ptnr3_label_comp_id 
_pdbx_struct_conn_angle.ptnr3_label_seq_id 
_pdbx_struct_conn_angle.ptnr3_auth_atom_id 
_pdbx_struct_conn_angle.ptnr3_auth_asym_id 
_pdbx_struct_conn_angle.ptnr3_auth_comp_id 
_pdbx_struct_conn_angle.ptnr3_auth_seq_id 
_pdbx_struct_conn_angle.ptnr3_PDB_ins_code 
_pdbx_struct_conn_angle.ptnr3_symmetry 
_pdbx_struct_conn_angle.value 
_pdbx_struct_conn_angle.value_esd 
1 O6 ? A G 4 ? A G 4 ? 1_555 NA ? E NA . ? A NA 104 ? 1_555 O6 ? A G 5 ? A G 5 ? 1_555 71.8 ? 
2 O6 ? A G 5 ? A G 5 ? 1_555 NA ? F NA . ? A NA 105 ? 1_555 O4 ? A U 6 ? A U 6 ? 1_555 69.7 ? 
# 
loop_
_struct_site.id 
_struct_site.pdbx_evidence_code 
_struct_site.pdbx_auth_asym_id 
_struct_site.pdbx_auth_comp_id 
_struct_site.pdbx_auth_seq_id 
_struct_site.pdbx_auth_ins_code 
_struct_site.pdbx_num_residues 
_struct_site.details 
AC1 Software A NA  101 ? 16 'BINDING SITE FOR RESIDUE NA A 101'  
AC2 Software A NA  102 ? 20 'BINDING SITE FOR RESIDUE NA A 102'  
AC3 Software A NA  103 ? 16 'BINDING SITE FOR RESIDUE NA A 103'  
AC4 Software A NA  104 ? 16 'BINDING SITE FOR RESIDUE NA A 104'  
AC5 Software A NA  105 ? 12 'BINDING SITE FOR RESIDUE NA A 105'  
AC6 Software A NCO 201 ? 12 'BINDING SITE FOR RESIDUE NCO A 201' 
# 
loop_
_struct_site_gen.id 
_struct_site_gen.site_id 
_struct_site_gen.pdbx_num_res 
_struct_site_gen.label_comp_id 
_struct_site_gen.label_asym_id 
_struct_site_gen.label_seq_id 
_struct_site_gen.pdbx_auth_ins_code 
_struct_site_gen.auth_comp_id 
_struct_site_gen.auth_asym_id 
_struct_site_gen.auth_seq_id 
_struct_site_gen.label_atom_id 
_struct_site_gen.label_alt_id 
_struct_site_gen.symmetry 
_struct_site_gen.details 
1  AC1 16 BGM A 2 ? BGM A 2   . ? 3_555  ? 
2  AC1 16 BGM A 2 ? BGM A 2   . ? 6_556  ? 
3  AC1 16 BGM A 2 ? BGM A 2   . ? 7_556  ? 
4  AC1 16 BGM A 2 ? BGM A 2   . ? 1_555  ? 
5  AC1 16 BGM A 2 ? BGM A 2   . ? 4_555  ? 
6  AC1 16 BGM A 2 ? BGM A 2   . ? 5_556  ? 
7  AC1 16 BGM A 2 ? BGM A 2   . ? 2_555  ? 
8  AC1 16 BGM A 2 ? BGM A 2   . ? 8_556  ? 
9  AC1 16 NA  C . ? NA  A 102 . ? 4_555  ? 
10 AC1 16 NA  C . ? NA  A 102 . ? 5_556  ? 
11 AC1 16 NA  C . ? NA  A 102 . ? 6_556  ? 
12 AC1 16 NA  C . ? NA  A 102 . ? 7_556  ? 
13 AC1 16 NA  C . ? NA  A 102 . ? 8_556  ? 
14 AC1 16 NA  C . ? NA  A 102 . ? 3_555  ? 
15 AC1 16 NA  C . ? NA  A 102 . ? 2_555  ? 
16 AC1 16 NA  C . ? NA  A 102 . ? 1_555  ? 
17 AC2 20 BGM A 2 ? BGM A 2   . ? 3_555  ? 
18 AC2 20 BGM A 2 ? BGM A 2   . ? 1_555  ? 
19 AC2 20 BGM A 2 ? BGM A 2   . ? 2_555  ? 
20 AC2 20 BGM A 2 ? BGM A 2   . ? 4_555  ? 
21 AC2 20 A   A 3 ? A   A 3   . ? 3_555  ? 
22 AC2 20 A   A 3 ? A   A 3   . ? 2_555  ? 
23 AC2 20 A   A 3 ? A   A 3   . ? 1_555  ? 
24 AC2 20 A   A 3 ? A   A 3   . ? 4_555  ? 
25 AC2 20 NA  B . ? NA  A 101 . ? 4_555  ? 
26 AC2 20 NA  B . ? NA  A 101 . ? 3_555  ? 
27 AC2 20 NA  B . ? NA  A 101 . ? 1_555  ? 
28 AC2 20 NA  B . ? NA  A 101 . ? 2_555  ? 
29 AC2 20 NA  B . ? NA  A 101 . ? 5_556  ? 
30 AC2 20 NA  B . ? NA  A 101 . ? 6_556  ? 
31 AC2 20 NA  B . ? NA  A 101 . ? 7_556  ? 
32 AC2 20 NA  B . ? NA  A 101 . ? 8_556  ? 
33 AC2 20 NA  D . ? NA  A 103 . ? 4_555  ? 
34 AC2 20 NA  D . ? NA  A 103 . ? 3_555  ? 
35 AC2 20 NA  D . ? NA  A 103 . ? 2_555  ? 
36 AC2 20 NA  D . ? NA  A 103 . ? 1_555  ? 
37 AC3 16 A   A 3 ? A   A 3   . ? 3_555  ? 
38 AC3 16 A   A 3 ? A   A 3   . ? 1_555  ? 
39 AC3 16 A   A 3 ? A   A 3   . ? 2_555  ? 
40 AC3 16 A   A 3 ? A   A 3   . ? 4_555  ? 
41 AC3 16 G   A 4 ? G   A 4   . ? 4_555  ? 
42 AC3 16 G   A 4 ? G   A 4   . ? 1_555  ? 
43 AC3 16 G   A 4 ? G   A 4   . ? 2_555  ? 
44 AC3 16 G   A 4 ? G   A 4   . ? 3_555  ? 
45 AC3 16 NA  C . ? NA  A 102 . ? 3_555  ? 
46 AC3 16 NA  C . ? NA  A 102 . ? 1_555  ? 
47 AC3 16 NA  C . ? NA  A 102 . ? 2_555  ? 
48 AC3 16 NA  C . ? NA  A 102 . ? 4_555  ? 
49 AC3 16 NA  E . ? NA  A 104 . ? 4_555  ? 
50 AC3 16 NA  E . ? NA  A 104 . ? 3_555  ? 
51 AC3 16 NA  E . ? NA  A 104 . ? 2_555  ? 
52 AC3 16 NA  E . ? NA  A 104 . ? 1_555  ? 
53 AC4 16 G   A 4 ? G   A 4   . ? 2_555  ? 
54 AC4 16 G   A 4 ? G   A 4   . ? 4_555  ? 
55 AC4 16 G   A 4 ? G   A 4   . ? 1_555  ? 
56 AC4 16 G   A 4 ? G   A 4   . ? 3_555  ? 
57 AC4 16 G   A 5 ? G   A 5   . ? 2_555  ? 
58 AC4 16 G   A 5 ? G   A 5   . ? 4_555  ? 
59 AC4 16 G   A 5 ? G   A 5   . ? 1_555  ? 
60 AC4 16 G   A 5 ? G   A 5   . ? 3_555  ? 
61 AC4 16 NA  D . ? NA  A 103 . ? 1_555  ? 
62 AC4 16 NA  D . ? NA  A 103 . ? 2_555  ? 
63 AC4 16 NA  D . ? NA  A 103 . ? 3_555  ? 
64 AC4 16 NA  D . ? NA  A 103 . ? 4_555  ? 
65 AC4 16 NA  F . ? NA  A 105 . ? 4_555  ? 
66 AC4 16 NA  F . ? NA  A 105 . ? 3_555  ? 
67 AC4 16 NA  F . ? NA  A 105 . ? 2_555  ? 
68 AC4 16 NA  F . ? NA  A 105 . ? 1_555  ? 
69 AC5 12 G   A 5 ? G   A 5   . ? 2_555  ? 
70 AC5 12 G   A 5 ? G   A 5   . ? 3_555  ? 
71 AC5 12 G   A 5 ? G   A 5   . ? 1_555  ? 
72 AC5 12 G   A 5 ? G   A 5   . ? 4_555  ? 
73 AC5 12 U   A 6 ? U   A 6   . ? 2_555  ? 
74 AC5 12 U   A 6 ? U   A 6   . ? 1_555  ? 
75 AC5 12 U   A 6 ? U   A 6   . ? 3_555  ? 
76 AC5 12 U   A 6 ? U   A 6   . ? 4_555  ? 
77 AC5 12 NA  E . ? NA  A 104 . ? 4_555  ? 
78 AC5 12 NA  E . ? NA  A 104 . ? 3_555  ? 
79 AC5 12 NA  E . ? NA  A 104 . ? 2_555  ? 
80 AC5 12 NA  E . ? NA  A 104 . ? 1_555  ? 
81 AC6 12 BGM A 2 ? BGM A 2   . ? 1_555  ? 
82 AC6 12 BGM A 2 ? BGM A 2   . ? 8_556  ? 
83 AC6 12 A   A 3 ? A   A 3   . ? 8_556  ? 
84 AC6 12 A   A 3 ? A   A 3   . ? 1_555  ? 
85 AC6 12 G   A 5 ? G   A 5   . ? 14_455 ? 
86 AC6 12 G   A 5 ? G   A 5   . ? 12_455 ? 
87 AC6 12 U   A 6 ? U   A 6   . ? 12_455 ? 
88 AC6 12 U   A 6 ? U   A 6   . ? 14_455 ? 
89 AC6 12 HOH H . ? HOH A 308 . ? 8_556  ? 
90 AC6 12 HOH H . ? HOH A 308 . ? 1_555  ? 
91 AC6 12 HOH H . ? HOH A 314 . ? 14_455 ? 
92 AC6 12 HOH H . ? HOH A 314 . ? 12_455 ? 
# 
loop_
_pdbx_validate_rmsd_angle.id 
_pdbx_validate_rmsd_angle.PDB_model_num 
_pdbx_validate_rmsd_angle.auth_atom_id_1 
_pdbx_validate_rmsd_angle.auth_asym_id_1 
_pdbx_validate_rmsd_angle.auth_comp_id_1 
_pdbx_validate_rmsd_angle.auth_seq_id_1 
_pdbx_validate_rmsd_angle.PDB_ins_code_1 
_pdbx_validate_rmsd_angle.label_alt_id_1 
_pdbx_validate_rmsd_angle.auth_atom_id_2 
_pdbx_validate_rmsd_angle.auth_asym_id_2 
_pdbx_validate_rmsd_angle.auth_comp_id_2 
_pdbx_validate_rmsd_angle.auth_seq_id_2 
_pdbx_validate_rmsd_angle.PDB_ins_code_2 
_pdbx_validate_rmsd_angle.label_alt_id_2 
_pdbx_validate_rmsd_angle.auth_atom_id_3 
_pdbx_validate_rmsd_angle.auth_asym_id_3 
_pdbx_validate_rmsd_angle.auth_comp_id_3 
_pdbx_validate_rmsd_angle.auth_seq_id_3 
_pdbx_validate_rmsd_angle.PDB_ins_code_3 
_pdbx_validate_rmsd_angle.label_alt_id_3 
_pdbx_validate_rmsd_angle.angle_value 
_pdbx_validate_rmsd_angle.angle_target_value 
_pdbx_validate_rmsd_angle.angle_deviation 
_pdbx_validate_rmsd_angle.angle_standard_deviation 
_pdbx_validate_rmsd_angle.linker_flag 
1 1 "C2'" A U 6 ? ? "C3'" A U 6 ? ? "O3'" A U 6 ? ? 142.76 113.70 29.06  1.60 N 
2 1 "O4'" A U 6 ? ? "C1'" A U 6 ? ? "C2'" A U 6 ? ? 95.43  105.80 -10.37 1.00 N 
3 1 N1    A U 6 ? ? "C1'" A U 6 ? ? "C2'" A U 6 ? ? 80.07  112.00 -31.93 1.10 N 
4 1 "C1'" A U 6 ? ? "C2'" A U 6 ? ? "O2'" A U 6 ? ? 133.32 110.60 22.72  3.00 N 
5 1 "C3'" A U 6 ? ? "C2'" A U 6 ? ? "O2'" A U 6 ? ? 82.44  113.30 -30.86 2.90 N 
# 
_pdbx_validate_planes.id              1 
_pdbx_validate_planes.PDB_model_num   1 
_pdbx_validate_planes.auth_comp_id    G 
_pdbx_validate_planes.auth_asym_id    A 
_pdbx_validate_planes.auth_seq_id     4 
_pdbx_validate_planes.PDB_ins_code    ? 
_pdbx_validate_planes.label_alt_id    ? 
_pdbx_validate_planes.rmsd            0.064 
_pdbx_validate_planes.type            'SIDE CHAIN' 
# 
_pdbx_struct_mod_residue.id               1 
_pdbx_struct_mod_residue.label_asym_id    A 
_pdbx_struct_mod_residue.label_comp_id    BGM 
_pdbx_struct_mod_residue.label_seq_id     2 
_pdbx_struct_mod_residue.auth_asym_id     A 
_pdbx_struct_mod_residue.auth_comp_id     BGM 
_pdbx_struct_mod_residue.auth_seq_id      2 
_pdbx_struct_mod_residue.PDB_ins_code     ? 
_pdbx_struct_mod_residue.parent_comp_id   DG 
_pdbx_struct_mod_residue.details          ? 
# 
loop_
_pdbx_struct_special_symmetry.id 
_pdbx_struct_special_symmetry.PDB_model_num 
_pdbx_struct_special_symmetry.auth_asym_id 
_pdbx_struct_special_symmetry.auth_comp_id 
_pdbx_struct_special_symmetry.auth_seq_id 
_pdbx_struct_special_symmetry.PDB_ins_code 
_pdbx_struct_special_symmetry.label_asym_id 
_pdbx_struct_special_symmetry.label_comp_id 
_pdbx_struct_special_symmetry.label_seq_id 
1 1 A NA  101 ? B NA  . 
2 1 A NA  102 ? C NA  . 
3 1 A NA  103 ? D NA  . 
4 1 A NA  104 ? E NA  . 
5 1 A NA  105 ? F NA  . 
6 1 A NCO 201 ? G NCO . 
7 1 A HOH 305 ? H HOH . 
8 1 A HOH 315 ? H HOH . 
# 
loop_
_chem_comp_atom.comp_id 
_chem_comp_atom.atom_id 
_chem_comp_atom.type_symbol 
_chem_comp_atom.pdbx_aromatic_flag 
_chem_comp_atom.pdbx_stereo_config 
_chem_comp_atom.pdbx_ordinal 
A   OP3    O  N N 1   
A   P      P  N N 2   
A   OP1    O  N N 3   
A   OP2    O  N N 4   
A   "O5'"  O  N N 5   
A   "C5'"  C  N N 6   
A   "C4'"  C  N R 7   
A   "O4'"  O  N N 8   
A   "C3'"  C  N S 9   
A   "O3'"  O  N N 10  
A   "C2'"  C  N R 11  
A   "O2'"  O  N N 12  
A   "C1'"  C  N R 13  
A   N9     N  Y N 14  
A   C8     C  Y N 15  
A   N7     N  Y N 16  
A   C5     C  Y N 17  
A   C6     C  Y N 18  
A   N6     N  N N 19  
A   N1     N  Y N 20  
A   C2     C  Y N 21  
A   N3     N  Y N 22  
A   C4     C  Y N 23  
A   HOP3   H  N N 24  
A   HOP2   H  N N 25  
A   "H5'"  H  N N 26  
A   "H5''" H  N N 27  
A   "H4'"  H  N N 28  
A   "H3'"  H  N N 29  
A   "HO3'" H  N N 30  
A   "H2'"  H  N N 31  
A   "HO2'" H  N N 32  
A   "H1'"  H  N N 33  
A   H8     H  N N 34  
A   H61    H  N N 35  
A   H62    H  N N 36  
A   H2     H  N N 37  
BGM P      P  N N 38  
BGM OP1    O  N N 39  
BGM OP2    O  N N 40  
BGM "O5'"  O  N N 41  
BGM "C5'"  C  N N 42  
BGM "C4'"  C  N R 43  
BGM "O4'"  O  N N 44  
BGM "C1'"  C  N R 45  
BGM N9     N  Y N 46  
BGM C8     C  Y N 47  
BGM N7     N  Y N 48  
BGM C5     C  Y N 49  
BGM C4     C  Y N 50  
BGM N3     N  N N 51  
BGM C2     C  N N 52  
BGM N2     N  N N 53  
BGM N1     N  N N 54  
BGM C6     C  N N 55  
BGM O6     O  N N 56  
BGM "C2'"  C  N N 57  
BGM "C3'"  C  N S 58  
BGM "O3'"  O  N N 59  
BGM OP3    O  N N 60  
BGM BR     BR N N 61  
BGM HOP2   H  N N 62  
BGM "H5'"  H  N N 63  
BGM "H5''" H  N N 64  
BGM "H4'"  H  N N 65  
BGM "H1'"  H  N N 66  
BGM H21    H  N N 67  
BGM H22    H  N N 68  
BGM H1     H  N N 69  
BGM "H2'"  H  N N 70  
BGM "H2''" H  N N 71  
BGM "H3'"  H  N N 72  
BGM "HO3'" H  N N 73  
BGM HOP3   H  N N 74  
G   OP3    O  N N 75  
G   P      P  N N 76  
G   OP1    O  N N 77  
G   OP2    O  N N 78  
G   "O5'"  O  N N 79  
G   "C5'"  C  N N 80  
G   "C4'"  C  N R 81  
G   "O4'"  O  N N 82  
G   "C3'"  C  N S 83  
G   "O3'"  O  N N 84  
G   "C2'"  C  N R 85  
G   "O2'"  O  N N 86  
G   "C1'"  C  N R 87  
G   N9     N  Y N 88  
G   C8     C  Y N 89  
G   N7     N  Y N 90  
G   C5     C  Y N 91  
G   C6     C  N N 92  
G   O6     O  N N 93  
G   N1     N  N N 94  
G   C2     C  N N 95  
G   N2     N  N N 96  
G   N3     N  N N 97  
G   C4     C  Y N 98  
G   HOP3   H  N N 99  
G   HOP2   H  N N 100 
G   "H5'"  H  N N 101 
G   "H5''" H  N N 102 
G   "H4'"  H  N N 103 
G   "H3'"  H  N N 104 
G   "HO3'" H  N N 105 
G   "H2'"  H  N N 106 
G   "HO2'" H  N N 107 
G   "H1'"  H  N N 108 
G   H8     H  N N 109 
G   H1     H  N N 110 
G   H21    H  N N 111 
G   H22    H  N N 112 
HOH O      O  N N 113 
HOH H1     H  N N 114 
HOH H2     H  N N 115 
NA  NA     NA N N 116 
NCO CO     CO N N 117 
NCO N1     N  N N 118 
NCO N2     N  N N 119 
NCO N3     N  N N 120 
NCO N4     N  N N 121 
NCO N5     N  N N 122 
NCO N6     N  N N 123 
NCO HN11   H  N N 124 
NCO HN12   H  N N 125 
NCO HN13   H  N N 126 
NCO HN21   H  N N 127 
NCO HN22   H  N N 128 
NCO HN23   H  N N 129 
NCO HN31   H  N N 130 
NCO HN32   H  N N 131 
NCO HN33   H  N N 132 
NCO HN41   H  N N 133 
NCO HN42   H  N N 134 
NCO HN43   H  N N 135 
NCO HN51   H  N N 136 
NCO HN52   H  N N 137 
NCO HN53   H  N N 138 
NCO HN61   H  N N 139 
NCO HN62   H  N N 140 
NCO HN63   H  N N 141 
U   OP3    O  N N 142 
U   P      P  N N 143 
U   OP1    O  N N 144 
U   OP2    O  N N 145 
U   "O5'"  O  N N 146 
U   "C5'"  C  N N 147 
U   "C4'"  C  N R 148 
U   "O4'"  O  N N 149 
U   "C3'"  C  N S 150 
U   "O3'"  O  N N 151 
U   "C2'"  C  N R 152 
U   "O2'"  O  N N 153 
U   "C1'"  C  N R 154 
U   N1     N  N N 155 
U   C2     C  N N 156 
U   O2     O  N N 157 
U   N3     N  N N 158 
U   C4     C  N N 159 
U   O4     O  N N 160 
U   C5     C  N N 161 
U   C6     C  N N 162 
U   HOP3   H  N N 163 
U   HOP2   H  N N 164 
U   "H5'"  H  N N 165 
U   "H5''" H  N N 166 
U   "H4'"  H  N N 167 
U   "H3'"  H  N N 168 
U   "HO3'" H  N N 169 
U   "H2'"  H  N N 170 
U   "HO2'" H  N N 171 
U   "H1'"  H  N N 172 
U   H3     H  N N 173 
U   H5     H  N N 174 
U   H6     H  N N 175 
# 
loop_
_chem_comp_bond.comp_id 
_chem_comp_bond.atom_id_1 
_chem_comp_bond.atom_id_2 
_chem_comp_bond.value_order 
_chem_comp_bond.pdbx_aromatic_flag 
_chem_comp_bond.pdbx_stereo_config 
_chem_comp_bond.pdbx_ordinal 
A   OP3   P      sing N N 1   
A   OP3   HOP3   sing N N 2   
A   P     OP1    doub N N 3   
A   P     OP2    sing N N 4   
A   P     "O5'"  sing N N 5   
A   OP2   HOP2   sing N N 6   
A   "O5'" "C5'"  sing N N 7   
A   "C5'" "C4'"  sing N N 8   
A   "C5'" "H5'"  sing N N 9   
A   "C5'" "H5''" sing N N 10  
A   "C4'" "O4'"  sing N N 11  
A   "C4'" "C3'"  sing N N 12  
A   "C4'" "H4'"  sing N N 13  
A   "O4'" "C1'"  sing N N 14  
A   "C3'" "O3'"  sing N N 15  
A   "C3'" "C2'"  sing N N 16  
A   "C3'" "H3'"  sing N N 17  
A   "O3'" "HO3'" sing N N 18  
A   "C2'" "O2'"  sing N N 19  
A   "C2'" "C1'"  sing N N 20  
A   "C2'" "H2'"  sing N N 21  
A   "O2'" "HO2'" sing N N 22  
A   "C1'" N9     sing N N 23  
A   "C1'" "H1'"  sing N N 24  
A   N9    C8     sing Y N 25  
A   N9    C4     sing Y N 26  
A   C8    N7     doub Y N 27  
A   C8    H8     sing N N 28  
A   N7    C5     sing Y N 29  
A   C5    C6     sing Y N 30  
A   C5    C4     doub Y N 31  
A   C6    N6     sing N N 32  
A   C6    N1     doub Y N 33  
A   N6    H61    sing N N 34  
A   N6    H62    sing N N 35  
A   N1    C2     sing Y N 36  
A   C2    N3     doub Y N 37  
A   C2    H2     sing N N 38  
A   N3    C4     sing Y N 39  
BGM P     OP1    doub N N 40  
BGM P     OP2    sing N N 41  
BGM P     "O5'"  sing N N 42  
BGM P     OP3    sing N N 43  
BGM OP2   HOP2   sing N N 44  
BGM "O5'" "C5'"  sing N N 45  
BGM "C5'" "C4'"  sing N N 46  
BGM "C5'" "H5'"  sing N N 47  
BGM "C5'" "H5''" sing N N 48  
BGM "C4'" "O4'"  sing N N 49  
BGM "C4'" "C3'"  sing N N 50  
BGM "C4'" "H4'"  sing N N 51  
BGM "O4'" "C1'"  sing N N 52  
BGM "C1'" N9     sing N N 53  
BGM "C1'" "C2'"  sing N N 54  
BGM "C1'" "H1'"  sing N N 55  
BGM N9    C8     sing Y N 56  
BGM N9    C4     sing Y N 57  
BGM C8    N7     doub Y N 58  
BGM C8    BR     sing N N 59  
BGM N7    C5     sing Y N 60  
BGM C5    C4     doub Y N 61  
BGM C5    C6     sing N N 62  
BGM C4    N3     sing N N 63  
BGM N3    C2     doub N N 64  
BGM C2    N2     sing N N 65  
BGM C2    N1     sing N N 66  
BGM N2    H21    sing N N 67  
BGM N2    H22    sing N N 68  
BGM N1    C6     sing N N 69  
BGM N1    H1     sing N N 70  
BGM C6    O6     doub N N 71  
BGM "C2'" "C3'"  sing N N 72  
BGM "C2'" "H2'"  sing N N 73  
BGM "C2'" "H2''" sing N N 74  
BGM "C3'" "O3'"  sing N N 75  
BGM "C3'" "H3'"  sing N N 76  
BGM "O3'" "HO3'" sing N N 77  
BGM OP3   HOP3   sing N N 78  
G   OP3   P      sing N N 79  
G   OP3   HOP3   sing N N 80  
G   P     OP1    doub N N 81  
G   P     OP2    sing N N 82  
G   P     "O5'"  sing N N 83  
G   OP2   HOP2   sing N N 84  
G   "O5'" "C5'"  sing N N 85  
G   "C5'" "C4'"  sing N N 86  
G   "C5'" "H5'"  sing N N 87  
G   "C5'" "H5''" sing N N 88  
G   "C4'" "O4'"  sing N N 89  
G   "C4'" "C3'"  sing N N 90  
G   "C4'" "H4'"  sing N N 91  
G   "O4'" "C1'"  sing N N 92  
G   "C3'" "O3'"  sing N N 93  
G   "C3'" "C2'"  sing N N 94  
G   "C3'" "H3'"  sing N N 95  
G   "O3'" "HO3'" sing N N 96  
G   "C2'" "O2'"  sing N N 97  
G   "C2'" "C1'"  sing N N 98  
G   "C2'" "H2'"  sing N N 99  
G   "O2'" "HO2'" sing N N 100 
G   "C1'" N9     sing N N 101 
G   "C1'" "H1'"  sing N N 102 
G   N9    C8     sing Y N 103 
G   N9    C4     sing Y N 104 
G   C8    N7     doub Y N 105 
G   C8    H8     sing N N 106 
G   N7    C5     sing Y N 107 
G   C5    C6     sing N N 108 
G   C5    C4     doub Y N 109 
G   C6    O6     doub N N 110 
G   C6    N1     sing N N 111 
G   N1    C2     sing N N 112 
G   N1    H1     sing N N 113 
G   C2    N2     sing N N 114 
G   C2    N3     doub N N 115 
G   N2    H21    sing N N 116 
G   N2    H22    sing N N 117 
G   N3    C4     sing N N 118 
HOH O     H1     sing N N 119 
HOH O     H2     sing N N 120 
NCO CO    N1     sing N N 121 
NCO CO    N2     sing N N 122 
NCO CO    N3     sing N N 123 
NCO CO    N4     sing N N 124 
NCO CO    N5     sing N N 125 
NCO CO    N6     sing N N 126 
NCO N1    HN11   sing N N 127 
NCO N1    HN12   sing N N 128 
NCO N1    HN13   sing N N 129 
NCO N2    HN21   sing N N 130 
NCO N2    HN22   sing N N 131 
NCO N2    HN23   sing N N 132 
NCO N3    HN31   sing N N 133 
NCO N3    HN32   sing N N 134 
NCO N3    HN33   sing N N 135 
NCO N4    HN41   sing N N 136 
NCO N4    HN42   sing N N 137 
NCO N4    HN43   sing N N 138 
NCO N5    HN51   sing N N 139 
NCO N5    HN52   sing N N 140 
NCO N5    HN53   sing N N 141 
NCO N6    HN61   sing N N 142 
NCO N6    HN62   sing N N 143 
NCO N6    HN63   sing N N 144 
U   OP3   P      sing N N 145 
U   OP3   HOP3   sing N N 146 
U   P     OP1    doub N N 147 
U   P     OP2    sing N N 148 
U   P     "O5'"  sing N N 149 
U   OP2   HOP2   sing N N 150 
U   "O5'" "C5'"  sing N N 151 
U   "C5'" "C4'"  sing N N 152 
U   "C5'" "H5'"  sing N N 153 
U   "C5'" "H5''" sing N N 154 
U   "C4'" "O4'"  sing N N 155 
U   "C4'" "C3'"  sing N N 156 
U   "C4'" "H4'"  sing N N 157 
U   "O4'" "C1'"  sing N N 158 
U   "C3'" "O3'"  sing N N 159 
U   "C3'" "C2'"  sing N N 160 
U   "C3'" "H3'"  sing N N 161 
U   "O3'" "HO3'" sing N N 162 
U   "C2'" "O2'"  sing N N 163 
U   "C2'" "C1'"  sing N N 164 
U   "C2'" "H2'"  sing N N 165 
U   "O2'" "HO2'" sing N N 166 
U   "C1'" N1     sing N N 167 
U   "C1'" "H1'"  sing N N 168 
U   N1    C2     sing N N 169 
U   N1    C6     sing N N 170 
U   C2    O2     doub N N 171 
U   C2    N3     sing N N 172 
U   N3    C4     sing N N 173 
U   N3    H3     sing N N 174 
U   C4    O4     doub N N 175 
U   C4    C5     sing N N 176 
U   C5    C6     doub N N 177 
U   C5    H5     sing N N 178 
U   C6    H6     sing N N 179 
# 
_atom_sites.entry_id                    1MDG 
_atom_sites.fract_transf_matrix[1][1]   0.01316282 
_atom_sites.fract_transf_matrix[1][2]   -0.02386039 
_atom_sites.fract_transf_matrix[1][3]   0.00556140 
_atom_sites.fract_transf_matrix[2][1]   -0.00251293 
_atom_sites.fract_transf_matrix[2][2]   -0.00759478 
_atom_sites.fract_transf_matrix[2][3]   -0.02663666 
_atom_sites.fract_transf_matrix[3][1]   0.02303267 
_atom_sites.fract_transf_matrix[3][2]   0.01143950 
_atom_sites.fract_transf_matrix[3][3]   -0.00543461 
_atom_sites.fract_transf_vector[1]      -0.102767 
_atom_sites.fract_transf_vector[2]      0.158612 
_atom_sites.fract_transf_vector[3]      0.329802 
# 
loop_
_atom_type.symbol 
BR 
C  
CO 
N  
NA 
O  
P  
# 
loop_
_atom_site.group_PDB 
_atom_site.id 
_atom_site.type_symbol 
_atom_site.label_atom_id 
_atom_site.label_alt_id 
_atom_site.label_comp_id 
_atom_site.label_asym_id 
_atom_site.label_entity_id 
_atom_site.label_seq_id 
_atom_site.pdbx_PDB_ins_code 
_atom_site.Cartn_x 
_atom_site.Cartn_y 
_atom_site.Cartn_z 
_atom_site.occupancy 
_atom_site.B_iso_or_equiv 
_atom_site.pdbx_formal_charge 
_atom_site.auth_seq_id 
_atom_site.auth_comp_id 
_atom_site.auth_asym_id 
_atom_site.auth_atom_id 
_atom_site.pdbx_PDB_model_num 
ATOM   1   O  "O5'" . U   A 1 1 ? 6.105  14.779  -1.591 1.00 27.14 ? 1   U   A "O5'" 1 
ATOM   2   C  "C5'" . U   A 1 1 ? 6.218  13.698  -2.517 1.00 23.39 ? 1   U   A "C5'" 1 
ATOM   3   C  "C4'" . U   A 1 1 ? 5.986  12.408  -1.766 1.00 19.89 ? 1   U   A "C4'" 1 
ATOM   4   O  "O4'" . U   A 1 1 ? 6.860  12.306  -0.652 1.00 18.63 ? 1   U   A "O4'" 1 
ATOM   5   C  "C3'" . U   A 1 1 ? 4.567  12.166  -1.255 1.00 19.80 ? 1   U   A "C3'" 1 
ATOM   6   O  "O3'" . U   A 1 1 ? 4.263  10.947  -1.930 1.00 18.56 ? 1   U   A "O3'" 1 
ATOM   7   C  "C2'" . U   A 1 1 ? 4.728  11.835  0.235  1.00 20.15 ? 1   U   A "C2'" 1 
ATOM   8   O  "O2'" . U   A 1 1 ? 3.955  10.791  0.785  1.00 23.56 ? 1   U   A "O2'" 1 
ATOM   9   C  "C1'" . U   A 1 1 ? 6.228  11.564  0.356  1.00 19.03 ? 1   U   A "C1'" 1 
ATOM   10  N  N1    . U   A 1 1 ? 6.848  11.903  1.632  1.00 16.96 ? 1   U   A N1    1 
ATOM   11  C  C2    . U   A 1 1 ? 7.564  10.896  2.284  1.00 15.52 ? 1   U   A C2    1 
ATOM   12  O  O2    . U   A 1 1 ? 7.716  9.773   1.812  1.00 13.87 ? 1   U   A O2    1 
ATOM   13  N  N3    . U   A 1 1 ? 8.096  11.260  3.490  1.00 13.87 ? 1   U   A N3    1 
ATOM   14  C  C4    . U   A 1 1 ? 8.018  12.504  4.094  1.00 14.59 ? 1   U   A C4    1 
ATOM   15  O  O4    . U   A 1 1 ? 8.619  12.700  5.138  1.00 14.68 ? 1   U   A O4    1 
ATOM   16  C  C5    . U   A 1 1 ? 7.272  13.481  3.364  1.00 16.18 ? 1   U   A C5    1 
ATOM   17  C  C6    . U   A 1 1 ? 6.743  13.163  2.178  1.00 16.65 ? 1   U   A C6    1 
HETATM 18  P  P     . BGM A 1 2 ? 2.800  10.636  -2.476 1.00 16.06 ? 2   BGM A P     1 
HETATM 19  O  OP1   . BGM A 1 2 ? 2.698  11.253  -3.832 1.00 19.02 ? 2   BGM A OP1   1 
HETATM 20  O  OP2   . BGM A 1 2 ? 1.792  10.953  -1.438 1.00 19.84 ? 2   BGM A OP2   1 
HETATM 21  O  "O5'" . BGM A 1 2 ? 2.891  9.081   -2.724 1.00 13.78 ? 2   BGM A "O5'" 1 
HETATM 22  C  "C5'" . BGM A 1 2 ? 3.120  8.216   -1.616 1.00 12.14 ? 2   BGM A "C5'" 1 
HETATM 23  C  "C4'" . BGM A 1 2 ? 3.081  6.781   -2.082 1.00 10.79 ? 2   BGM A "C4'" 1 
HETATM 24  O  "O4'" . BGM A 1 2 ? 3.782  5.967   -1.139 1.00 12.76 ? 2   BGM A "O4'" 1 
HETATM 25  C  "C1'" . BGM A 1 2 ? 3.047  4.814   -0.804 1.00 10.90 ? 2   BGM A "C1'" 1 
HETATM 26  N  N9    . BGM A 1 2 ? 3.475  4.383   0.524  1.00 9.93  ? 2   BGM A N9    1 
HETATM 27  C  C8    . BGM A 1 2 ? 3.439  5.076   1.716  1.00 9.73  ? 2   BGM A C8    1 
HETATM 28  N  N7    . BGM A 1 2 ? 3.952  4.406   2.709  1.00 10.90 ? 2   BGM A N7    1 
HETATM 29  C  C5    . BGM A 1 2 ? 4.349  3.203   2.151  1.00 9.36  ? 2   BGM A C5    1 
HETATM 30  C  C4    . BGM A 1 2 ? 4.064  3.164   0.808  1.00 8.77  ? 2   BGM A C4    1 
HETATM 31  N  N3    . BGM A 1 2 ? 4.336  2.199   -0.083 1.00 10.08 ? 2   BGM A N3    1 
HETATM 32  C  C2    . BGM A 1 2 ? 4.942  1.175   0.460  1.00 9.28  ? 2   BGM A C2    1 
HETATM 33  N  N2    . BGM A 1 2 ? 5.229  0.122   -0.306 1.00 9.61  ? 2   BGM A N2    1 
HETATM 34  N  N1    . BGM A 1 2 ? 5.283  1.101   1.789  1.00 9.79  ? 2   BGM A N1    1 
HETATM 35  C  C6    . BGM A 1 2 ? 5.013  2.108   2.736  1.00 10.15 ? 2   BGM A C6    1 
HETATM 36  O  O6    . BGM A 1 2 ? 5.347  1.976   3.903  1.00 10.04 ? 2   BGM A O6    1 
HETATM 37  C  "C2'" . BGM A 1 2 ? 1.617  5.269   -0.965 1.00 10.32 ? 2   BGM A "C2'" 1 
HETATM 38  C  "C3'" . BGM A 1 2 ? 1.706  6.130   -2.216 1.00 9.64  ? 2   BGM A "C3'" 1 
HETATM 39  O  "O3'" . BGM A 1 2 ? 1.705  5.338   -3.411 1.00 11.42 ? 2   BGM A "O3'" 1 
HETATM 40  BR BR    . BGM A 1 2 ? 2.887  6.860   1.882  1.00 4.99  ? 2   BGM A BR    1 
ATOM   41  P  P     . A   A 1 3 ? 0.311  4.699   -3.970 1.00 12.90 ? 3   A   A P     1 
ATOM   42  O  OP1   . A   A 1 3 ? 0.461  4.458   -5.425 1.00 15.91 ? 3   A   A OP1   1 
ATOM   43  O  OP2   . A   A 1 3 ? -0.804 5.521   -3.446 1.00 13.39 ? 3   A   A OP2   1 
ATOM   44  O  "O5'" . A   A 1 3 ? 0.236  3.263   -3.261 1.00 13.04 ? 3   A   A "O5'" 1 
ATOM   45  C  "C5'" . A   A 1 3 ? 1.155  2.185   -3.538 1.00 12.88 ? 3   A   A "C5'" 1 
ATOM   46  C  "C4'" . A   A 1 3 ? 0.875  1.072   -2.546 1.00 12.95 ? 3   A   A "C4'" 1 
ATOM   47  O  "O4'" . A   A 1 3 ? 1.297  1.467   -1.229 1.00 12.14 ? 3   A   A "O4'" 1 
ATOM   48  C  "C3'" . A   A 1 3 ? -0.637 0.814   -2.467 1.00 11.96 ? 3   A   A "C3'" 1 
ATOM   49  O  "O3'" . A   A 1 3 ? -0.787 -0.611  -2.482 1.00 12.93 ? 3   A   A "O3'" 1 
ATOM   50  C  "C2'" . A   A 1 3 ? -1.048 1.373   -1.116 1.00 10.33 ? 3   A   A "C2'" 1 
ATOM   51  O  "O2'" . A   A 1 3 ? -2.181 0.836   -0.451 1.00 13.94 ? 3   A   A "O2'" 1 
ATOM   52  C  "C1'" . A   A 1 3 ? 0.239  1.182   -0.327 1.00 11.59 ? 3   A   A "C1'" 1 
ATOM   53  N  N9    . A   A 1 3 ? 0.363  2.024   0.840  1.00 9.12  ? 3   A   A N9    1 
ATOM   54  C  C8    . A   A 1 3 ? -0.115 3.271   1.074  1.00 9.33  ? 3   A   A C8    1 
ATOM   55  N  N7    . A   A 1 3 ? 0.193  3.728   2.246  1.00 9.91  ? 3   A   A N7    1 
ATOM   56  C  C5    . A   A 1 3 ? 0.895  2.693   2.836  1.00 9.78  ? 3   A   A C5    1 
ATOM   57  C  C6    . A   A 1 3 ? 1.416  2.540   4.109  1.00 12.03 ? 3   A   A C6    1 
ATOM   58  N  N6    . A   A 1 3 ? 1.335  3.492   5.051  1.00 11.88 ? 3   A   A N6    1 
ATOM   59  N  N1    . A   A 1 3 ? 2.038  1.375   4.394  1.00 10.48 ? 3   A   A N1    1 
ATOM   60  C  C2    . A   A 1 3 ? 2.111  0.428   3.427  1.00 8.22  ? 3   A   A C2    1 
ATOM   61  N  N3    . A   A 1 3 ? 1.658  0.475   2.196  1.00 11.14 ? 3   A   A N3    1 
ATOM   62  C  C4    . A   A 1 3 ? 1.040  1.648   1.969  1.00 10.21 ? 3   A   A C4    1 
ATOM   63  P  P     . G   A 1 4 ? -2.122 -1.294  -3.050 1.00 14.09 ? 4   G   A P     1 
ATOM   64  O  OP1   . G   A 1 4 ? -2.293 -0.943  -4.493 1.00 15.20 ? 4   G   A OP1   1 
ATOM   65  O  OP2   . G   A 1 4 ? -3.227 -0.993  -2.099 1.00 14.17 ? 4   G   A OP2   1 
ATOM   66  O  "O5'" . G   A 1 4 ? -1.842 -2.856  -2.893 1.00 12.57 ? 4   G   A "O5'" 1 
ATOM   67  C  "C5'" . G   A 1 4 ? -1.070 -3.578  -3.847 1.00 12.73 ? 4   G   A "C5'" 1 
ATOM   68  C  "C4'" . G   A 1 4 ? -0.405 -4.768  -3.190 1.00 11.24 ? 4   G   A "C4'" 1 
ATOM   69  O  "O4'" . G   A 1 4 ? 0.602  -4.331  -2.237 1.00 13.50 ? 4   G   A "O4'" 1 
ATOM   70  C  "C3'" . G   A 1 4 ? -1.334 -5.624  -2.356 1.00 12.41 ? 4   G   A "C3'" 1 
ATOM   71  O  "O3'" . G   A 1 4 ? -2.076 -6.467  -3.209 1.00 12.76 ? 4   G   A "O3'" 1 
ATOM   72  C  "C2'" . G   A 1 4 ? -0.350 -6.348  -1.447 1.00 10.27 ? 4   G   A "C2'" 1 
ATOM   73  O  "O2'" . G   A 1 4 ? 0.374  -7.377  -2.116 1.00 12.31 ? 4   G   A "O2'" 1 
ATOM   74  C  "C1'" . G   A 1 4 ? 0.615  -5.200  -1.112 1.00 9.93  ? 4   G   A "C1'" 1 
ATOM   75  N  N9    . G   A 1 4 ? 0.259  -4.414  0.063  1.00 9.26  ? 4   G   A N9    1 
ATOM   76  C  C8    . G   A 1 4 ? -0.360 -3.186  0.102  1.00 11.42 ? 4   G   A C8    1 
ATOM   77  N  N7    . G   A 1 4 ? -0.432 -2.694  1.308  1.00 10.86 ? 4   G   A N7    1 
ATOM   78  C  C5    . G   A 1 4 ? 0.143  -3.668  2.110  1.00 10.25 ? 4   G   A C5    1 
ATOM   79  C  C6    . G   A 1 4 ? 0.411  -3.664  3.494  1.00 10.31 ? 4   G   A C6    1 
ATOM   80  O  O6    . G   A 1 4 ? 0.174  -2.765  4.309  1.00 9.85  ? 4   G   A O6    1 
ATOM   81  N  N1    . G   A 1 4 ? 1.027  -4.846  3.904  1.00 11.27 ? 4   G   A N1    1 
ATOM   82  C  C2    . G   A 1 4 ? 1.329  -5.910  3.070  1.00 8.01  ? 4   G   A C2    1 
ATOM   83  N  N2    . G   A 1 4 ? 1.889  -6.985  3.683  1.00 10.53 ? 4   G   A N2    1 
ATOM   84  N  N3    . G   A 1 4 ? 1.097  -5.913  1.774  1.00 11.05 ? 4   G   A N3    1 
ATOM   85  C  C4    . G   A 1 4 ? 0.531  -4.755  1.359  1.00 8.38  ? 4   G   A C4    1 
ATOM   86  P  P     . G   A 1 5 ? -3.573 -6.891  -2.790 1.00 14.17 ? 5   G   A P     1 
ATOM   87  O  OP1   . G   A 1 5 ? -3.977 -7.571  -4.039 1.00 16.98 ? 5   G   A OP1   1 
ATOM   88  O  OP2   . G   A 1 5 ? -4.321 -5.737  -2.278 1.00 16.51 ? 5   G   A OP2   1 
ATOM   89  O  "O5'" . G   A 1 5 ? -3.363 -7.918  -1.630 1.00 12.32 ? 5   G   A "O5'" 1 
ATOM   90  C  "C5'" . G   A 1 5 ? -2.885 -9.213  -1.929 1.00 14.68 ? 5   G   A "C5'" 1 
ATOM   91  C  "C4'" . G   A 1 5 ? -2.607 -9.954  -0.660 1.00 13.26 ? 5   G   A "C4'" 1 
ATOM   92  O  "O4'" . G   A 1 5 ? -1.549 -9.262  0.065  1.00 12.54 ? 5   G   A "O4'" 1 
ATOM   93  C  "C3'" . G   A 1 5 ? -3.731 -9.980  0.365  1.00 15.65 ? 5   G   A "C3'" 1 
ATOM   94  O  "O3'" . G   A 1 5 ? -4.674 -10.947 -0.017 1.00 15.73 ? 5   G   A "O3'" 1 
ATOM   95  C  "C2'" . G   A 1 5 ? -2.969 -10.351 1.628  1.00 12.32 ? 5   G   A "C2'" 1 
ATOM   96  O  "O2'" . G   A 1 5 ? -2.594 -11.727 1.644  1.00 12.92 ? 5   G   A "O2'" 1 
ATOM   97  C  "C1'" . G   A 1 5 ? -1.723 -9.472  1.462  1.00 11.63 ? 5   G   A "C1'" 1 
ATOM   98  N  N9    . G   A 1 5 ? -1.899 -8.168  2.113  1.00 11.06 ? 5   G   A N9    1 
ATOM   99  C  C8    . G   A 1 5 ? -2.462 -7.019  1.588  1.00 10.71 ? 5   G   A C8    1 
ATOM   100 N  N7    . G   A 1 5 ? -2.543 -6.041  2.465  1.00 9.09  ? 5   G   A N7    1 
ATOM   101 C  C5    . G   A 1 5 ? -1.985 -6.576  3.619  1.00 9.83  ? 5   G   A C5    1 
ATOM   102 C  C6    . G   A 1 5 ? -1.776 -6.005  4.907  1.00 10.18 ? 5   G   A C6    1 
ATOM   103 O  O6    . G   A 1 5 ? -2.058 -4.868  5.313  1.00 10.81 ? 5   G   A O6    1 
ATOM   104 N  N1    . G   A 1 5 ? -1.159 -6.909  5.774  1.00 10.61 ? 5   G   A N1    1 
ATOM   105 C  C2    . G   A 1 5 ? -0.796 -8.184  5.445  1.00 10.96 ? 5   G   A C2    1 
ATOM   106 N  N2    . G   A 1 5 ? -0.229 -8.910  6.404  1.00 13.01 ? 5   G   A N2    1 
ATOM   107 N  N3    . G   A 1 5 ? -0.978 -8.729  4.258  1.00 10.81 ? 5   G   A N3    1 
ATOM   108 C  C4    . G   A 1 5 ? -1.574 -7.884  3.404  1.00 9.37  ? 5   G   A C4    1 
ATOM   109 P  P     . U   A 1 6 ? -6.184 -10.822 0.518  1.00 18.59 ? 6   U   A P     1 
ATOM   110 O  OP1   . U   A 1 6 ? -6.117 -10.866 2.019  1.00 19.98 ? 6   U   A OP1   1 
ATOM   111 O  OP2   . U   A 1 6 ? -6.939 -11.881 -0.249 1.00 20.74 ? 6   U   A OP2   1 
ATOM   112 O  "O5'" . U   A 1 6 ? -6.591 -9.331  0.142  1.00 19.22 ? 6   U   A "O5'" 1 
ATOM   113 C  "C5'" . U   A 1 6 ? -7.692 -8.976  -0.662 1.00 19.32 ? 6   U   A "C5'" 1 
ATOM   114 C  "C4'" . U   A 1 6 ? -8.003 -7.528  -0.410 1.00 21.40 ? 6   U   A "C4'" 1 
ATOM   115 O  "O4'" . U   A 1 6 ? -8.198 -7.391  1.026  1.00 20.02 ? 6   U   A "O4'" 1 
ATOM   116 C  "C3'" . U   A 1 6 ? -6.833 -6.586  -0.687 1.00 21.77 ? 6   U   A "C3'" 1 
ATOM   117 O  "O3'" . U   A 1 6 ? -6.825 -6.133  -2.046 1.00 25.29 ? 6   U   A "O3'" 1 
ATOM   118 C  "C2'" . U   A 1 6 ? -6.388 -6.208  0.723  1.00 23.48 ? 6   U   A "C2'" 1 
ATOM   119 O  "O2'" . U   A 1 6 ? -5.594 -5.261  0.016  1.00 28.13 ? 6   U   A "O2'" 1 
ATOM   120 C  "C1'" . U   A 1 6 ? -7.731 -6.118  1.448  1.00 18.43 ? 6   U   A "C1'" 1 
ATOM   121 N  N1    . U   A 1 6 ? -6.827 -6.270  2.605  1.00 16.07 ? 6   U   A N1    1 
ATOM   122 C  C2    . U   A 1 6 ? -6.745 -5.175  3.463  1.00 14.21 ? 6   U   A C2    1 
ATOM   123 O  O2    . U   A 1 6 ? -7.327 -4.139  3.251  1.00 14.60 ? 6   U   A O2    1 
ATOM   124 N  N3    . U   A 1 6 ? -5.966 -5.358  4.581  1.00 12.18 ? 6   U   A N3    1 
ATOM   125 C  C4    . U   A 1 6 ? -5.249 -6.482  4.916  1.00 14.43 ? 6   U   A C4    1 
ATOM   126 O  O4    . U   A 1 6 ? -4.673 -6.509  6.000  1.00 12.82 ? 6   U   A O4    1 
ATOM   127 C  C5    . U   A 1 6 ? -5.354 -7.579  3.979  1.00 13.69 ? 6   U   A C5    1 
ATOM   128 C  C6    . U   A 1 6 ? -6.123 -7.437  2.874  1.00 15.24 ? 6   U   A C6    1 
HETATM 129 NA NA    . NA  B 2 . ? 7.934  1.202   4.863  0.25 15.69 ? 101 NA  A NA    1 
HETATM 130 NA NA    . NA  C 2 . ? 4.942  -0.268  5.566  0.25 17.84 ? 102 NA  A NA    1 
HETATM 131 NA NA    . NA  D 2 . ? 2.204  -1.664  6.216  0.25 21.01 ? 103 NA  A NA    1 
HETATM 132 NA NA    . NA  E 2 . ? -0.695 -3.087  6.901  0.25 8.23  ? 104 NA  A NA    1 
HETATM 133 NA NA    . NA  F 2 . ? -3.691 -4.566  7.604  0.25 8.46  ? 105 NA  A NA    1 
HETATM 134 CO CO    . NCO G 3 . ? 1.891  7.474   -7.554 0.25 20.28 ? 201 NCO A CO    1 
HETATM 135 N  N1    . NCO G 3 . ? 3.854  7.895   -8.332 0.50 18.90 ? 201 NCO A N1    1 
HETATM 136 N  N2    . NCO G 3 . ? -0.092 7.087   -6.805 0.50 18.95 ? 201 NCO A N2    1 
HETATM 137 N  N3    . NCO G 3 . ? 1.302  6.638   -9.436 0.50 21.20 ? 201 NCO A N3    1 
HETATM 138 N  N4    . NCO G 3 . ? 1.346  9.500   -8.010 0.50 21.20 ? 201 NCO A N4    1 
HETATM 139 N  N5    . NCO G 3 . ? 2.366  7.866   -5.481 0.50 20.87 ? 201 NCO A N5    1 
HETATM 140 N  N6    . NCO G 3 . ? 2.808  5.659   -6.801 0.50 20.89 ? 201 NCO A N6    1 
HETATM 141 O  O     . HOH H 4 . ? -3.781 2.776   1.107  1.00 20.11 ? 301 HOH A O     1 
HETATM 142 O  O     . HOH H 4 . ? -4.416 -3.348  -0.936 1.00 20.16 ? 302 HOH A O     1 
HETATM 143 O  O     . HOH H 4 . ? -2.360 4.503   -1.395 1.00 25.80 ? 303 HOH A O     1 
HETATM 144 O  O     . HOH H 4 . ? -6.360 1.239   -2.517 1.00 32.76 ? 304 HOH A O     1 
HETATM 145 O  O     . HOH H 4 . ? -4.011 -1.953  -6.447 0.25 29.23 ? 305 HOH A O     1 
HETATM 146 O  O     . HOH H 4 . ? 5.373  10.978  -5.763 1.00 33.44 ? 306 HOH A O     1 
HETATM 147 O  O     . HOH H 4 . ? 5.116  12.370  -7.841 1.00 25.12 ? 307 HOH A O     1 
HETATM 148 O  O     . HOH H 4 . ? -1.382 8.098   -9.568 1.00 24.99 ? 308 HOH A O     1 
HETATM 149 O  O     . HOH H 4 . ? 1.795  9.712   1.839  1.00 27.12 ? 309 HOH A O     1 
HETATM 150 O  O     . HOH H 4 . ? -6.077 2.630   -0.800 1.00 27.66 ? 310 HOH A O     1 
HETATM 151 O  O     . HOH H 4 . ? -2.366 -8.981  -5.616 1.00 30.24 ? 312 HOH A O     1 
HETATM 152 O  O     . HOH H 4 . ? -6.859 -1.640  0.159  1.00 38.69 ? 313 HOH A O     1 
HETATM 153 O  O     . HOH H 4 . ? -4.603 -13.878 -0.251 1.00 42.83 ? 314 HOH A O     1 
HETATM 154 O  O     . HOH H 4 . ? -1.187 -8.721  -8.663 0.25 41.84 ? 315 HOH A O     1 
HETATM 155 O  O     . HOH H 4 . ? 0.005  9.390   -0.259 1.00 35.75 ? 316 HOH A O     1 
HETATM 156 O  O     . HOH H 4 . ? 0.398  -8.287  -4.654 1.00 30.07 ? 411 HOH A O     1 
# 
